data_3LK0
#
_entry.id   3LK0
#
_cell.length_a   28.607
_cell.length_b   59.122
_cell.length_c   103.998
_cell.angle_alpha   90.000
_cell.angle_beta   92.520
_cell.angle_gamma   90.000
#
_symmetry.space_group_name_H-M   'P 1 21 1'
#
loop_
_entity.id
_entity.type
_entity.pdbx_description
1 polymer 'Protein S100-B'
2 non-polymer 'CALCIUM ION'
3 non-polymer 3-(2-chloro-10H-phenothiazin-10-yl)-N,N-dimethylpropan-1-amine
4 water water
#
_entity_poly.entity_id   1
_entity_poly.type   'polypeptide(L)'
_entity_poly.pdbx_seq_one_letter_code
;MSELEKAVVALIDVFHQYSGREGDKHKLKKSELKELINNELSHFLEEIKEQEVVDKVMETLDSDGDGECDFQEFMAFVAM
ITTACHEFFE
;
_entity_poly.pdbx_strand_id   A,B,C,D
#
# COMPACT_ATOMS: atom_id res chain seq x y z
N MET A 1 -14.24 13.77 -23.57
CA MET A 1 -14.45 12.33 -23.22
C MET A 1 -15.89 12.06 -22.83
N SER A 2 -16.36 10.85 -23.14
CA SER A 2 -17.76 10.49 -22.89
C SER A 2 -17.99 10.08 -21.44
N GLU A 3 -19.27 9.98 -21.04
CA GLU A 3 -19.67 9.47 -19.74
C GLU A 3 -18.87 8.19 -19.45
N LEU A 4 -18.90 7.24 -20.38
CA LEU A 4 -18.21 5.96 -20.23
C LEU A 4 -16.67 6.09 -20.07
N GLU A 5 -16.05 6.86 -20.95
CA GLU A 5 -14.59 7.12 -20.86
C GLU A 5 -14.16 7.79 -19.59
N LYS A 6 -14.90 8.82 -19.16
CA LYS A 6 -14.65 9.45 -17.86
C LYS A 6 -14.70 8.42 -16.74
N ALA A 7 -15.65 7.50 -16.81
CA ALA A 7 -15.80 6.49 -15.78
C ALA A 7 -14.63 5.52 -15.75
N VAL A 8 -14.17 5.05 -16.91
CA VAL A 8 -12.94 4.22 -16.99
C VAL A 8 -11.74 4.94 -16.34
N VAL A 9 -11.48 6.16 -16.77
CA VAL A 9 -10.32 6.89 -16.23
C VAL A 9 -10.41 7.18 -14.72
N ALA A 10 -11.65 7.34 -14.22
CA ALA A 10 -11.91 7.58 -12.79
C ALA A 10 -11.53 6.34 -11.96
N LEU A 11 -11.85 5.15 -12.46
CA LEU A 11 -11.47 3.89 -11.78
C LEU A 11 -9.94 3.86 -11.57
N ILE A 12 -9.21 4.19 -12.64
CA ILE A 12 -7.74 4.27 -12.62
C ILE A 12 -7.19 5.34 -11.67
N ASP A 13 -7.73 6.56 -11.77
CA ASP A 13 -7.32 7.74 -11.04
C ASP A 13 -7.52 7.51 -9.51
N VAL A 14 -8.69 6.99 -9.15
CA VAL A 14 -9.00 6.65 -7.75
C VAL A 14 -8.05 5.54 -7.22
N PHE A 15 -7.88 4.45 -7.98
CA PHE A 15 -7.00 3.37 -7.51
C PHE A 15 -5.59 3.94 -7.25
N HIS A 16 -5.05 4.63 -8.25
CA HIS A 16 -3.73 5.17 -8.10
C HIS A 16 -3.53 6.31 -7.07
N GLN A 17 -4.56 7.11 -6.79
CA GLN A 17 -4.38 8.04 -5.68
C GLN A 17 -4.19 7.34 -4.33
N TYR A 18 -4.87 6.21 -4.14
CA TYR A 18 -4.78 5.43 -2.88
C TYR A 18 -3.61 4.45 -2.83
N SER A 19 -3.31 3.84 -3.98
CA SER A 19 -2.22 2.87 -4.08
C SER A 19 -0.84 3.51 -3.94
N GLY A 20 -0.70 4.77 -4.35
CA GLY A 20 0.61 5.44 -4.30
C GLY A 20 0.98 6.14 -3.00
N ARG A 21 0.19 5.95 -1.95
CA ARG A 21 0.44 6.62 -0.68
C ARG A 21 1.55 5.96 0.14
N GLU A 22 1.65 4.64 0.10
CA GLU A 22 2.64 3.92 0.93
C GLU A 22 3.16 2.66 0.25
N GLY A 23 4.45 2.39 0.42
CA GLY A 23 5.00 1.11 -0.02
C GLY A 23 4.84 0.94 -1.51
N ASP A 24 4.39 -0.24 -1.93
CA ASP A 24 4.14 -0.51 -3.35
C ASP A 24 3.20 0.55 -3.93
N LYS A 25 3.68 1.29 -4.93
CA LYS A 25 2.87 2.34 -5.55
C LYS A 25 1.75 1.82 -6.48
N HIS A 26 1.77 0.55 -6.84
CA HIS A 26 0.71 -0.01 -7.67
C HIS A 26 -0.20 -1.05 -6.98
N LYS A 27 -0.15 -1.08 -5.65
CA LYS A 27 -0.99 -2.00 -4.84
C LYS A 27 -1.58 -1.26 -3.64
N LEU A 28 -2.74 -1.71 -3.16
CA LEU A 28 -3.31 -1.21 -1.90
C LEU A 28 -2.97 -2.14 -0.73
N LYS A 29 -2.13 -1.69 0.20
CA LYS A 29 -1.98 -2.35 1.52
C LYS A 29 -3.25 -2.07 2.31
N LYS A 30 -3.41 -2.69 3.48
CA LYS A 30 -4.66 -2.58 4.24
C LYS A 30 -5.09 -1.14 4.56
N SER A 31 -4.15 -0.29 5.00
CA SER A 31 -4.44 1.10 5.36
C SER A 31 -4.98 1.92 4.18
N GLU A 32 -4.39 1.71 3.00
CA GLU A 32 -4.83 2.36 1.75
C GLU A 32 -6.20 1.94 1.29
N LEU A 33 -6.50 0.64 1.40
CA LEU A 33 -7.83 0.10 1.04
C LEU A 33 -8.92 0.61 1.98
N LYS A 34 -8.60 0.62 3.27
CA LYS A 34 -9.40 1.21 4.32
C LYS A 34 -9.81 2.62 3.92
N GLU A 35 -8.84 3.51 3.67
CA GLU A 35 -9.21 4.89 3.34
C GLU A 35 -9.94 5.05 2.02
N LEU A 36 -9.65 4.20 1.05
CA LEU A 36 -10.33 4.26 -0.26
C LEU A 36 -11.81 3.95 0.00
N ILE A 37 -12.08 2.86 0.75
CA ILE A 37 -13.46 2.47 1.05
C ILE A 37 -14.15 3.55 1.89
N ASN A 38 -13.45 4.02 2.93
CA ASN A 38 -13.99 5.00 3.89
C ASN A 38 -14.29 6.33 3.20
N ASN A 39 -13.40 6.73 2.29
CA ASN A 39 -13.49 8.01 1.58
C ASN A 39 -14.11 8.02 0.16
N GLU A 40 -14.13 6.88 -0.52
CA GLU A 40 -14.66 6.87 -1.88
C GLU A 40 -15.91 6.01 -2.04
N LEU A 41 -16.22 5.17 -1.06
CA LEU A 41 -17.43 4.28 -1.12
C LEU A 41 -18.45 4.49 0.01
N SER A 42 -18.46 5.71 0.54
CA SER A 42 -19.23 6.01 1.73
C SER A 42 -20.75 5.94 1.53
N HIS A 43 -21.24 6.12 0.29
CA HIS A 43 -22.67 5.97 0.00
C HIS A 43 -23.03 4.53 -0.30
N PHE A 44 -22.05 3.74 -0.68
CA PHE A 44 -22.28 2.36 -1.02
C PHE A 44 -22.05 1.43 0.17
N LEU A 45 -20.95 1.67 0.89
CA LEU A 45 -20.52 0.81 2.00
C LEU A 45 -20.37 1.52 3.36
N GLU A 46 -20.51 0.77 4.46
CA GLU A 46 -20.22 1.30 5.80
C GLU A 46 -18.73 1.61 5.96
N GLU A 47 -18.42 2.60 6.80
CA GLU A 47 -17.03 2.88 7.10
C GLU A 47 -16.41 1.71 7.89
N ILE A 48 -15.11 1.46 7.66
CA ILE A 48 -14.41 0.35 8.34
C ILE A 48 -13.30 0.90 9.23
N LYS A 49 -13.37 0.61 10.53
CA LYS A 49 -12.47 1.27 11.50
C LYS A 49 -11.90 0.33 12.56
N GLU A 50 -12.20 -0.96 12.42
CA GLU A 50 -11.66 -1.95 13.33
C GLU A 50 -10.73 -2.78 12.48
N GLN A 51 -9.55 -3.04 13.01
CA GLN A 51 -8.55 -3.66 12.14
C GLN A 51 -8.93 -5.09 11.70
N GLU A 52 -9.70 -5.81 12.51
CA GLU A 52 -10.15 -7.15 12.08
C GLU A 52 -11.22 -7.14 10.96
N VAL A 53 -11.97 -6.05 10.84
CA VAL A 53 -12.84 -5.80 9.69
C VAL A 53 -12.02 -5.50 8.41
N VAL A 54 -11.03 -4.59 8.50
CA VAL A 54 -10.08 -4.33 7.41
C VAL A 54 -9.44 -5.62 6.97
N ASP A 55 -8.97 -6.43 7.93
CA ASP A 55 -8.29 -7.69 7.64
C ASP A 55 -9.20 -8.57 6.82
N LYS A 56 -10.45 -8.69 7.28
CA LYS A 56 -11.42 -9.57 6.65
C LYS A 56 -11.74 -9.15 5.21
N VAL A 57 -11.83 -7.84 4.98
CA VAL A 57 -12.11 -7.30 3.64
C VAL A 57 -10.94 -7.52 2.71
N MET A 58 -9.72 -7.26 3.19
CA MET A 58 -8.49 -7.54 2.42
C MET A 58 -8.38 -9.02 2.07
N GLU A 59 -8.62 -9.87 3.06
CA GLU A 59 -8.64 -11.32 2.88
C GLU A 59 -9.62 -11.70 1.75
N THR A 60 -10.82 -11.12 1.77
CA THR A 60 -11.78 -11.30 0.67
C THR A 60 -11.22 -10.91 -0.73
N LEU A 61 -10.63 -9.72 -0.84
CA LEU A 61 -10.20 -9.19 -2.15
C LEU A 61 -8.86 -9.66 -2.68
N ASP A 62 -7.97 -10.06 -1.78
CA ASP A 62 -6.65 -10.58 -2.12
C ASP A 62 -6.74 -11.97 -2.76
N SER A 63 -6.56 -12.07 -4.08
CA SER A 63 -6.60 -13.38 -4.76
C SER A 63 -5.27 -14.09 -4.85
N ASP A 64 -4.16 -13.39 -4.70
CA ASP A 64 -2.84 -14.01 -4.93
C ASP A 64 -2.07 -14.17 -3.62
N GLY A 65 -2.72 -13.75 -2.53
CA GLY A 65 -2.21 -13.97 -1.18
C GLY A 65 -0.97 -13.20 -0.73
N ASP A 66 -0.69 -12.08 -1.41
CA ASP A 66 0.39 -11.18 -1.01
C ASP A 66 0.01 -10.16 0.08
N GLY A 67 -1.26 -10.16 0.51
CA GLY A 67 -1.68 -9.26 1.58
C GLY A 67 -2.04 -7.86 1.10
N GLU A 68 -2.11 -7.67 -0.21
CA GLU A 68 -2.44 -6.37 -0.78
C GLU A 68 -3.50 -6.51 -1.89
N CYS A 69 -4.11 -5.40 -2.27
CA CYS A 69 -5.04 -5.37 -3.38
C CYS A 69 -4.40 -4.71 -4.61
N ASP A 70 -4.11 -5.49 -5.65
CA ASP A 70 -3.64 -4.89 -6.89
C ASP A 70 -4.82 -4.43 -7.75
N PHE A 71 -4.51 -3.90 -8.93
CA PHE A 71 -5.54 -3.28 -9.79
C PHE A 71 -6.61 -4.24 -10.30
N GLN A 72 -6.21 -5.45 -10.67
CA GLN A 72 -7.17 -6.47 -11.13
C GLN A 72 -8.06 -6.92 -10.00
N GLU A 73 -7.50 -7.02 -8.80
CA GLU A 73 -8.29 -7.28 -7.58
C GLU A 73 -9.26 -6.12 -7.25
N PHE A 74 -8.80 -4.87 -7.38
CA PHE A 74 -9.68 -3.69 -7.28
C PHE A 74 -10.82 -3.68 -8.32
N MET A 75 -10.52 -3.96 -9.57
CA MET A 75 -11.54 -4.12 -10.61
C MET A 75 -12.57 -5.21 -10.33
N ALA A 76 -12.12 -6.36 -9.81
CA ALA A 76 -13.05 -7.39 -9.26
C ALA A 76 -14.01 -6.83 -8.16
N PHE A 77 -13.42 -6.11 -7.21
CA PHE A 77 -14.17 -5.38 -6.19
C PHE A 77 -15.17 -4.39 -6.81
N VAL A 78 -14.67 -3.53 -7.69
CA VAL A 78 -15.56 -2.62 -8.47
C VAL A 78 -16.71 -3.35 -9.21
N ALA A 79 -16.43 -4.46 -9.91
CA ALA A 79 -17.50 -5.17 -10.65
C ALA A 79 -18.59 -5.73 -9.70
N MET A 80 -18.17 -6.18 -8.52
CA MET A 80 -19.04 -6.59 -7.43
C MET A 80 -20.00 -5.47 -7.06
N ILE A 81 -19.44 -4.31 -6.71
CA ILE A 81 -20.21 -3.15 -6.28
C ILE A 81 -21.17 -2.76 -7.41
N THR A 82 -20.60 -2.67 -8.60
CA THR A 82 -21.34 -2.35 -9.83
C THR A 82 -22.48 -3.32 -10.11
N THR A 83 -22.25 -4.62 -9.91
CA THR A 83 -23.30 -5.62 -10.08
C THR A 83 -24.43 -5.41 -9.04
N ALA A 84 -24.06 -5.14 -7.79
CA ALA A 84 -25.06 -4.93 -6.71
C ALA A 84 -25.93 -3.70 -7.03
N CYS A 85 -25.28 -2.61 -7.46
CA CYS A 85 -25.99 -1.39 -7.83
CA CYS A 85 -25.98 -1.38 -7.83
C CYS A 85 -26.92 -1.59 -9.02
N HIS A 86 -26.46 -2.38 -10.02
CA HIS A 86 -27.27 -2.68 -11.22
C HIS A 86 -28.52 -3.47 -10.83
N GLU A 87 -28.35 -4.36 -9.86
CA GLU A 87 -29.42 -5.18 -9.30
C GLU A 87 -30.54 -4.32 -8.73
N PHE A 88 -30.17 -3.31 -7.95
CA PHE A 88 -31.09 -2.32 -7.36
C PHE A 88 -31.80 -1.53 -8.44
N PHE A 89 -30.99 -0.95 -9.32
CA PHE A 89 -31.35 -0.23 -10.55
C PHE A 89 -31.17 1.26 -10.40
N MET B 1 -21.95 12.38 -4.22
CA MET B 1 -21.26 11.08 -4.53
C MET B 1 -19.80 11.31 -4.91
N SER B 2 -18.94 10.40 -4.46
CA SER B 2 -17.52 10.44 -4.76
C SER B 2 -17.25 10.17 -6.25
N GLU B 3 -16.01 10.42 -6.69
CA GLU B 3 -15.55 10.11 -8.08
C GLU B 3 -15.78 8.63 -8.38
N LEU B 4 -15.44 7.76 -7.44
CA LEU B 4 -15.65 6.33 -7.65
C LEU B 4 -17.11 5.94 -7.78
N GLU B 5 -17.96 6.52 -6.96
CA GLU B 5 -19.39 6.22 -6.95
C GLU B 5 -20.05 6.66 -8.27
N LYS B 6 -19.65 7.85 -8.74
CA LYS B 6 -20.15 8.44 -9.97
C LYS B 6 -19.85 7.57 -11.20
N ALA B 7 -18.65 7.01 -11.21
CA ALA B 7 -18.17 6.09 -12.23
C ALA B 7 -18.95 4.78 -12.23
N VAL B 8 -19.22 4.24 -11.04
CA VAL B 8 -20.03 3.02 -10.95
C VAL B 8 -21.44 3.27 -11.51
N VAL B 9 -22.04 4.40 -11.14
CA VAL B 9 -23.41 4.75 -11.58
C VAL B 9 -23.41 5.00 -13.08
N ALA B 10 -22.37 5.69 -13.54
CA ALA B 10 -22.14 5.92 -14.96
C ALA B 10 -22.01 4.63 -15.80
N LEU B 11 -21.38 3.58 -15.28
CA LEU B 11 -21.32 2.34 -16.07
C LEU B 11 -22.73 1.76 -16.28
N ILE B 12 -23.55 1.86 -15.25
CA ILE B 12 -24.92 1.38 -15.30
C ILE B 12 -25.78 2.25 -16.21
N ASP B 13 -25.59 3.57 -16.08
CA ASP B 13 -26.33 4.60 -16.80
C ASP B 13 -26.19 4.44 -18.31
N VAL B 14 -24.93 4.30 -18.73
CA VAL B 14 -24.59 4.09 -20.11
C VAL B 14 -25.12 2.75 -20.64
N PHE B 15 -24.91 1.65 -19.90
CA PHE B 15 -25.40 0.33 -20.35
C PHE B 15 -26.88 0.43 -20.61
N HIS B 16 -27.64 0.92 -19.62
CA HIS B 16 -29.11 1.01 -19.77
C HIS B 16 -29.59 1.93 -20.89
N GLN B 17 -28.89 3.05 -21.07
CA GLN B 17 -29.21 4.01 -22.12
C GLN B 17 -29.22 3.32 -23.48
N TYR B 18 -28.28 2.40 -23.70
CA TYR B 18 -28.19 1.71 -24.99
C TYR B 18 -29.02 0.41 -24.99
N SER B 19 -29.04 -0.31 -23.89
CA SER B 19 -29.72 -1.61 -23.89
C SER B 19 -31.24 -1.44 -23.97
N GLY B 20 -31.69 -0.28 -23.48
CA GLY B 20 -33.10 0.04 -23.30
C GLY B 20 -33.79 0.46 -24.59
N ARG B 21 -33.02 0.54 -25.68
CA ARG B 21 -33.52 1.13 -26.91
C ARG B 21 -34.41 0.18 -27.70
N GLU B 22 -34.00 -1.08 -27.88
CA GLU B 22 -34.83 -2.01 -28.68
C GLU B 22 -34.98 -3.37 -28.00
N GLY B 23 -36.12 -4.04 -28.24
CA GLY B 23 -36.30 -5.42 -27.78
C GLY B 23 -36.05 -5.64 -26.29
N ASP B 24 -35.16 -6.60 -25.95
CA ASP B 24 -34.89 -6.92 -24.55
C ASP B 24 -34.19 -5.70 -23.97
N LYS B 25 -34.82 -5.10 -22.97
CA LYS B 25 -34.36 -3.82 -22.42
C LYS B 25 -33.18 -3.97 -21.47
N HIS B 26 -32.73 -5.19 -21.26
CA HIS B 26 -31.59 -5.46 -20.36
C HIS B 26 -30.44 -6.13 -21.07
N LYS B 27 -30.48 -6.14 -22.41
CA LYS B 27 -29.37 -6.68 -23.18
C LYS B 27 -29.10 -5.77 -24.37
N LEU B 28 -27.85 -5.72 -24.81
CA LEU B 28 -27.46 -4.97 -26.03
C LEU B 28 -27.50 -5.93 -27.19
N LYS B 29 -28.36 -5.64 -28.15
CA LYS B 29 -28.35 -6.36 -29.44
C LYS B 29 -27.25 -5.70 -30.27
N LYS B 30 -26.90 -6.29 -31.41
CA LYS B 30 -25.78 -5.78 -32.19
C LYS B 30 -25.87 -4.28 -32.55
N SER B 31 -27.02 -3.83 -33.05
CA SER B 31 -27.24 -2.37 -33.27
C SER B 31 -26.95 -1.43 -32.09
N GLU B 32 -27.32 -1.83 -30.89
CA GLU B 32 -27.16 -0.99 -29.70
C GLU B 32 -25.70 -0.98 -29.23
N LEU B 33 -25.04 -2.13 -29.34
CA LEU B 33 -23.60 -2.23 -29.00
C LEU B 33 -22.83 -1.32 -29.95
N LYS B 34 -23.18 -1.39 -31.23
CA LYS B 34 -22.49 -0.54 -32.21
C LYS B 34 -22.64 0.92 -31.82
N GLU B 35 -23.87 1.32 -31.46
CA GLU B 35 -24.12 2.69 -31.03
C GLU B 35 -23.37 3.03 -29.75
N LEU B 36 -23.37 2.12 -28.77
CA LEU B 36 -22.60 2.36 -27.56
C LEU B 36 -21.12 2.60 -27.91
N ILE B 37 -20.49 1.64 -28.59
CA ILE B 37 -19.10 1.84 -28.98
C ILE B 37 -18.87 3.17 -29.72
N ASN B 38 -19.70 3.48 -30.72
CA ASN B 38 -19.45 4.63 -31.58
C ASN B 38 -19.64 5.94 -30.83
N ASN B 39 -20.54 5.94 -29.83
CA ASN B 39 -20.88 7.20 -29.14
C ASN B 39 -20.28 7.37 -27.73
N GLU B 40 -19.92 6.27 -27.09
CA GLU B 40 -19.32 6.32 -25.73
C GLU B 40 -17.85 5.93 -25.66
N LEU B 41 -17.34 5.30 -26.72
CA LEU B 41 -15.93 4.85 -26.73
C LEU B 41 -15.13 5.32 -27.93
N SER B 42 -15.59 6.42 -28.56
CA SER B 42 -14.90 7.04 -29.70
C SER B 42 -13.44 7.53 -29.51
N HIS B 43 -13.01 7.77 -28.28
CA HIS B 43 -11.59 8.03 -28.02
C HIS B 43 -10.72 6.81 -27.79
N PHE B 44 -11.32 5.72 -27.33
CA PHE B 44 -10.60 4.53 -26.87
C PHE B 44 -10.51 3.45 -27.93
N LEU B 45 -11.55 3.36 -28.77
CA LEU B 45 -11.69 2.26 -29.74
C LEU B 45 -12.03 2.83 -31.10
N GLU B 46 -11.59 2.15 -32.17
CA GLU B 46 -11.94 2.50 -33.56
C GLU B 46 -13.48 2.52 -33.76
N GLU B 47 -14.00 3.47 -34.52
CA GLU B 47 -15.42 3.46 -34.92
C GLU B 47 -15.73 2.20 -35.71
N ILE B 48 -16.86 1.58 -35.44
CA ILE B 48 -17.27 0.46 -36.25
C ILE B 48 -18.16 0.99 -37.35
N LYS B 49 -17.78 0.70 -38.59
CA LYS B 49 -18.47 1.20 -39.75
C LYS B 49 -19.11 0.09 -40.58
N GLU B 50 -18.90 -1.17 -40.18
CA GLU B 50 -19.35 -2.32 -40.97
C GLU B 50 -20.03 -3.35 -40.07
N GLN B 51 -21.11 -3.93 -40.58
CA GLN B 51 -21.88 -4.89 -39.75
C GLN B 51 -21.06 -6.14 -39.40
N GLU B 52 -20.24 -6.61 -40.32
CA GLU B 52 -19.48 -7.84 -40.09
C GLU B 52 -18.42 -7.67 -39.01
N VAL B 53 -17.99 -6.42 -38.78
CA VAL B 53 -17.11 -6.08 -37.67
C VAL B 53 -17.91 -6.13 -36.34
N VAL B 54 -19.10 -5.50 -36.35
CA VAL B 54 -20.09 -5.54 -35.27
C VAL B 54 -20.36 -7.01 -34.87
N ASP B 55 -20.59 -7.84 -35.87
CA ASP B 55 -20.91 -9.25 -35.70
C ASP B 55 -19.74 -9.91 -34.95
N LYS B 56 -18.53 -9.52 -35.33
CA LYS B 56 -17.31 -10.09 -34.81
C LYS B 56 -17.03 -9.66 -33.36
N VAL B 57 -17.29 -8.39 -33.07
CA VAL B 57 -17.19 -7.91 -31.67
C VAL B 57 -18.23 -8.59 -30.78
N MET B 58 -19.48 -8.68 -31.24
CA MET B 58 -20.53 -9.36 -30.49
C MET B 58 -20.13 -10.81 -30.16
N GLU B 59 -19.73 -11.61 -31.14
CA GLU B 59 -19.50 -13.00 -30.83
C GLU B 59 -18.38 -13.20 -29.80
N THR B 60 -17.45 -12.23 -29.73
CA THR B 60 -16.46 -12.19 -28.68
C THR B 60 -17.04 -11.88 -27.28
N LEU B 61 -17.83 -10.81 -27.20
CA LEU B 61 -18.32 -10.34 -25.90
C LEU B 61 -19.47 -11.20 -25.41
N ASP B 62 -20.21 -11.76 -26.35
CA ASP B 62 -21.29 -12.69 -26.06
C ASP B 62 -20.77 -14.08 -25.64
N SER B 63 -20.56 -14.28 -24.34
CA SER B 63 -20.05 -15.56 -23.79
C SER B 63 -21.10 -16.69 -23.66
N ASP B 64 -22.38 -16.33 -23.58
CA ASP B 64 -23.43 -17.34 -23.32
C ASP B 64 -24.16 -17.79 -24.58
N GLY B 65 -23.69 -17.28 -25.72
CA GLY B 65 -24.13 -17.77 -27.03
C GLY B 65 -25.54 -17.37 -27.38
N ASP B 66 -26.00 -16.24 -26.83
CA ASP B 66 -27.38 -15.78 -27.09
C ASP B 66 -27.52 -14.63 -28.09
N GLY B 67 -26.40 -14.11 -28.58
CA GLY B 67 -26.42 -13.19 -29.72
C GLY B 67 -26.40 -11.73 -29.28
N GLU B 68 -26.46 -11.53 -27.97
CA GLU B 68 -26.63 -10.22 -27.36
C GLU B 68 -25.69 -10.05 -26.17
N CYS B 69 -25.54 -8.82 -25.69
CA CYS B 69 -24.55 -8.56 -24.63
C CYS B 69 -25.29 -8.13 -23.36
N ASP B 70 -25.27 -8.96 -22.33
CA ASP B 70 -26.00 -8.67 -21.09
C ASP B 70 -25.11 -7.83 -20.16
N PHE B 71 -25.58 -7.47 -18.97
CA PHE B 71 -24.77 -6.53 -18.16
C PHE B 71 -23.43 -7.11 -17.70
N GLN B 72 -23.41 -8.40 -17.39
CA GLN B 72 -22.16 -9.05 -16.93
C GLN B 72 -21.17 -9.15 -18.09
N GLU B 73 -21.67 -9.42 -19.29
CA GLU B 73 -20.83 -9.42 -20.51
C GLU B 73 -20.29 -8.02 -20.81
N PHE B 74 -21.10 -7.01 -20.54
CA PHE B 74 -20.66 -5.61 -20.69
C PHE B 74 -19.60 -5.26 -19.65
N MET B 75 -19.77 -5.70 -18.41
CA MET B 75 -18.71 -5.51 -17.41
C MET B 75 -17.37 -6.16 -17.75
N ALA B 76 -17.39 -7.38 -18.29
CA ALA B 76 -16.19 -8.02 -18.85
C ALA B 76 -15.48 -7.12 -19.87
N PHE B 77 -16.28 -6.55 -20.77
CA PHE B 77 -15.82 -5.62 -21.77
C PHE B 77 -15.21 -4.39 -21.13
N VAL B 78 -15.94 -3.80 -20.16
CA VAL B 78 -15.42 -2.61 -19.49
C VAL B 78 -14.14 -2.94 -18.76
N ALA B 79 -14.04 -4.13 -18.16
CA ALA B 79 -12.79 -4.49 -17.47
C ALA B 79 -11.60 -4.63 -18.46
N MET B 80 -11.87 -5.22 -19.65
CA MET B 80 -10.88 -5.30 -20.74
C MET B 80 -10.34 -3.90 -21.05
N ILE B 81 -11.26 -2.95 -21.25
CA ILE B 81 -10.92 -1.59 -21.64
C ILE B 81 -10.13 -0.87 -20.53
N THR B 82 -10.59 -0.99 -19.29
CA THR B 82 -9.98 -0.28 -18.19
C THR B 82 -8.58 -0.79 -17.92
N THR B 83 -8.38 -2.09 -18.13
CA THR B 83 -7.06 -2.71 -18.00
C THR B 83 -6.07 -2.23 -19.07
N ALA B 84 -6.54 -2.09 -20.31
CA ALA B 84 -5.72 -1.55 -21.37
C ALA B 84 -5.41 -0.09 -21.07
N CYS B 85 -6.41 0.65 -20.58
CA CYS B 85 -6.17 2.03 -20.18
C CYS B 85 -5.17 2.13 -19.02
N HIS B 86 -5.35 1.31 -17.97
CA HIS B 86 -4.43 1.31 -16.78
C HIS B 86 -2.98 1.06 -17.17
N GLU B 87 -2.79 0.07 -18.05
CA GLU B 87 -1.50 -0.28 -18.58
C GLU B 87 -0.85 0.85 -19.39
N PHE B 88 -1.66 1.55 -20.19
CA PHE B 88 -1.23 2.74 -20.92
C PHE B 88 -0.78 3.88 -19.99
N PHE B 89 -1.50 4.08 -18.88
CA PHE B 89 -1.20 5.12 -17.87
C PHE B 89 -0.43 6.36 -18.35
N MET C 1 21.04 -3.04 30.39
CA MET C 1 20.16 -1.87 30.73
C MET C 1 19.50 -2.07 32.08
N SER C 2 19.48 -1.00 32.86
CA SER C 2 18.75 -0.94 34.09
C SER C 2 17.22 -0.91 33.85
N GLU C 3 16.48 -1.09 34.93
CA GLU C 3 15.00 -0.99 34.90
C GLU C 3 14.54 0.35 34.27
N LEU C 4 15.19 1.44 34.67
CA LEU C 4 14.88 2.79 34.15
C LEU C 4 15.29 2.95 32.68
N GLU C 5 16.48 2.46 32.31
CA GLU C 5 16.93 2.54 30.92
C GLU C 5 15.98 1.75 30.00
N LYS C 6 15.58 0.55 30.46
CA LYS C 6 14.65 -0.27 29.67
C LYS C 6 13.30 0.45 29.47
N ALA C 7 12.89 1.17 30.51
CA ALA C 7 11.66 1.98 30.45
C ALA C 7 11.74 3.10 29.42
N VAL C 8 12.87 3.83 29.42
CA VAL C 8 13.11 4.86 28.42
C VAL C 8 13.03 4.28 26.98
N VAL C 9 13.76 3.20 26.70
CA VAL C 9 13.71 2.61 25.35
C VAL C 9 12.31 2.07 24.96
N ALA C 10 11.60 1.47 25.93
CA ALA C 10 10.23 1.05 25.70
C ALA C 10 9.28 2.16 25.26
N LEU C 11 9.40 3.35 25.82
CA LEU C 11 8.55 4.48 25.39
C LEU C 11 8.79 4.78 23.91
N ILE C 12 10.06 4.82 23.53
CA ILE C 12 10.50 5.10 22.16
C ILE C 12 10.06 3.95 21.22
N ASP C 13 10.32 2.70 21.66
CA ASP C 13 9.95 1.50 20.90
C ASP C 13 8.46 1.46 20.65
N VAL C 14 7.67 1.74 21.68
CA VAL C 14 6.22 1.67 21.52
C VAL C 14 5.68 2.76 20.56
N PHE C 15 6.21 3.95 20.71
CA PHE C 15 5.82 5.06 19.87
C PHE C 15 6.10 4.78 18.40
N HIS C 16 7.35 4.40 18.10
CA HIS C 16 7.80 3.98 16.74
C HIS C 16 6.93 2.85 16.12
N GLN C 17 6.56 1.90 16.96
CA GLN C 17 5.79 0.72 16.50
C GLN C 17 4.46 1.20 15.92
N TYR C 18 3.85 2.17 16.60
CA TYR C 18 2.53 2.66 16.19
C TYR C 18 2.67 3.80 15.18
N SER C 19 3.64 4.68 15.40
CA SER C 19 3.82 5.83 14.49
C SER C 19 4.25 5.43 13.10
N GLY C 20 5.02 4.34 13.00
CA GLY C 20 5.55 3.90 11.71
C GLY C 20 4.61 3.02 10.88
N ARG C 21 3.33 2.97 11.26
CA ARG C 21 2.39 2.12 10.55
C ARG C 21 2.05 2.75 9.19
N GLU C 22 1.66 4.02 9.19
CA GLU C 22 1.24 4.72 7.95
C GLU C 22 1.45 6.23 8.00
N GLY C 23 1.44 6.91 6.84
CA GLY C 23 1.62 8.38 6.79
C GLY C 23 2.97 8.85 7.28
N ASP C 24 3.00 9.98 8.02
CA ASP C 24 4.24 10.40 8.70
C ASP C 24 4.73 9.26 9.59
N LYS C 25 5.97 8.82 9.35
CA LYS C 25 6.47 7.69 10.11
C LYS C 25 6.94 8.05 11.55
N HIS C 26 6.99 9.35 11.85
CA HIS C 26 7.44 9.82 13.16
C HIS C 26 6.30 10.50 13.96
N LYS C 27 5.06 10.34 13.47
CA LYS C 27 3.88 10.96 14.12
C LYS C 27 2.73 9.96 14.20
N LEU C 28 1.88 10.10 15.20
CA LEU C 28 0.69 9.24 15.33
C LEU C 28 -0.56 9.90 14.77
N LYS C 29 -1.13 9.36 13.70
CA LYS C 29 -2.44 9.83 13.24
C LYS C 29 -3.52 9.23 14.17
N LYS C 30 -4.76 9.64 14.02
CA LYS C 30 -5.83 9.17 14.90
C LYS C 30 -5.96 7.61 14.99
N SER C 31 -5.93 6.92 13.83
CA SER C 31 -6.00 5.45 13.77
C SER C 31 -4.87 4.78 14.56
N GLU C 32 -3.64 5.26 14.38
CA GLU C 32 -2.49 4.79 15.17
C GLU C 32 -2.57 5.05 16.68
N LEU C 33 -3.03 6.25 17.03
CA LEU C 33 -3.24 6.61 18.43
C LEU C 33 -4.25 5.68 19.11
N LYS C 34 -5.37 5.46 18.42
CA LYS C 34 -6.48 4.55 18.83
C LYS C 34 -5.96 3.13 19.14
N GLU C 35 -5.18 2.59 18.20
CA GLU C 35 -4.59 1.25 18.33
C GLU C 35 -3.54 1.20 19.48
N LEU C 36 -2.72 2.26 19.61
CA LEU C 36 -1.75 2.36 20.72
C LEU C 36 -2.49 2.31 22.04
N ILE C 37 -3.51 3.15 22.19
CA ILE C 37 -4.29 3.15 23.45
C ILE C 37 -4.99 1.83 23.79
N ASN C 38 -5.67 1.25 22.82
CA ASN C 38 -6.43 0.00 23.04
C ASN C 38 -5.50 -1.15 23.30
N ASN C 39 -4.33 -1.12 22.67
CA ASN C 39 -3.40 -2.24 22.74
C ASN C 39 -2.32 -2.15 23.82
N GLU C 40 -1.80 -0.94 24.07
CA GLU C 40 -0.68 -0.71 24.96
C GLU C 40 -1.10 -0.04 26.28
N LEU C 41 -2.28 0.55 26.30
CA LEU C 41 -2.80 1.15 27.53
C LEU C 41 -4.12 0.51 27.92
N SER C 42 -4.27 -0.79 27.67
CA SER C 42 -5.56 -1.46 27.85
C SER C 42 -5.92 -1.61 29.33
N HIS C 43 -4.93 -1.54 30.22
CA HIS C 43 -5.17 -1.63 31.65
C HIS C 43 -5.28 -0.27 32.35
N PHE C 44 -4.57 0.73 31.87
CA PHE C 44 -4.68 2.07 32.46
C PHE C 44 -5.87 2.84 31.94
N LEU C 45 -6.23 2.64 30.68
CA LEU C 45 -7.28 3.42 30.05
C LEU C 45 -8.40 2.54 29.49
N GLU C 46 -9.60 3.09 29.41
CA GLU C 46 -10.75 2.40 28.83
C GLU C 46 -10.56 2.17 27.32
N GLU C 47 -10.91 0.99 26.82
CA GLU C 47 -10.88 0.75 25.37
C GLU C 47 -11.71 1.81 24.62
N ILE C 48 -11.17 2.34 23.51
CA ILE C 48 -11.88 3.28 22.63
C ILE C 48 -12.42 2.58 21.38
N LYS C 49 -13.71 2.75 21.11
CA LYS C 49 -14.36 2.15 19.95
C LYS C 49 -14.84 3.22 18.99
N GLU C 50 -15.23 4.38 19.53
CA GLU C 50 -15.94 5.40 18.77
C GLU C 50 -15.02 6.51 18.32
N GLN C 51 -15.17 6.87 17.04
CA GLN C 51 -14.36 7.88 16.39
C GLN C 51 -14.38 9.23 17.11
N GLU C 52 -15.53 9.63 17.66
CA GLU C 52 -15.65 10.90 18.37
C GLU C 52 -14.78 10.88 19.63
N VAL C 53 -14.62 9.70 20.25
CA VAL C 53 -13.69 9.51 21.37
C VAL C 53 -12.24 9.60 20.89
N VAL C 54 -11.90 8.95 19.77
CA VAL C 54 -10.54 9.10 19.24
C VAL C 54 -10.21 10.58 18.95
N ASP C 55 -11.13 11.24 18.24
CA ASP C 55 -11.05 12.67 17.93
C ASP C 55 -10.76 13.51 19.16
N LYS C 56 -11.55 13.31 20.22
CA LYS C 56 -11.38 14.17 21.39
C LYS C 56 -10.05 13.88 22.11
N VAL C 57 -9.61 12.63 22.18
CA VAL C 57 -8.27 12.35 22.75
C VAL C 57 -7.15 13.03 21.93
N MET C 58 -7.29 13.02 20.62
CA MET C 58 -6.25 13.59 19.76
C MET C 58 -6.26 15.09 19.86
N GLU C 59 -7.47 15.67 19.82
CA GLU C 59 -7.62 17.11 20.05
C GLU C 59 -6.95 17.54 21.37
N THR C 60 -7.05 16.70 22.39
CA THR C 60 -6.39 16.97 23.67
C THR C 60 -4.86 16.91 23.58
N LEU C 61 -4.33 15.90 22.89
CA LEU C 61 -2.88 15.71 22.82
C LEU C 61 -2.16 16.56 21.80
N ASP C 62 -2.86 17.00 20.76
CA ASP C 62 -2.23 17.70 19.65
C ASP C 62 -1.97 19.18 19.97
N SER C 63 -0.88 19.49 20.68
CA SER C 63 -0.64 20.90 21.08
C SER C 63 -0.28 21.85 19.93
N ASP C 64 0.31 21.34 18.85
CA ASP C 64 0.74 22.20 17.72
C ASP C 64 -0.26 22.32 16.59
N GLY C 65 -1.42 21.70 16.78
CA GLY C 65 -2.57 21.89 15.90
C GLY C 65 -2.49 21.20 14.57
N ASP C 66 -1.55 20.27 14.43
CA ASP C 66 -1.34 19.62 13.13
C ASP C 66 -2.16 18.34 12.89
N GLY C 67 -3.06 18.01 13.81
CA GLY C 67 -3.92 16.82 13.65
C GLY C 67 -3.33 15.46 14.07
N GLU C 68 -2.04 15.44 14.38
CA GLU C 68 -1.34 14.19 14.72
C GLU C 68 -0.61 14.37 16.04
N CYS C 69 -0.11 13.27 16.59
CA CYS C 69 0.60 13.27 17.87
C CYS C 69 2.06 12.91 17.60
N ASP C 70 2.94 13.87 17.84
CA ASP C 70 4.34 13.63 17.62
C ASP C 70 4.92 13.15 18.93
N PHE C 71 6.24 13.01 18.98
CA PHE C 71 6.84 12.34 20.11
C PHE C 71 6.75 13.15 21.38
N GLN C 72 6.99 14.46 21.25
CA GLN C 72 6.89 15.34 22.42
C GLN C 72 5.50 15.32 23.01
N GLU C 73 4.51 15.36 22.13
CA GLU C 73 3.09 15.27 22.53
C GLU C 73 2.75 13.94 23.21
N PHE C 74 3.28 12.85 22.66
CA PHE C 74 3.22 11.51 23.27
C PHE C 74 3.87 11.48 24.65
N MET C 75 5.04 12.12 24.79
CA MET C 75 5.71 12.20 26.11
C MET C 75 4.89 12.92 27.17
N ALA C 76 4.24 14.00 26.72
CA ALA C 76 3.30 14.72 27.55
C ALA C 76 2.14 13.82 27.98
N PHE C 77 1.58 13.06 27.04
CA PHE C 77 0.58 12.01 27.31
C PHE C 77 1.07 10.99 28.35
N VAL C 78 2.28 10.48 28.13
CA VAL C 78 2.88 9.49 29.05
C VAL C 78 3.10 10.12 30.43
N ALA C 79 3.53 11.37 30.48
CA ALA C 79 3.70 12.05 31.78
C ALA C 79 2.38 12.25 32.54
N MET C 80 1.28 12.55 31.80
CA MET C 80 -0.07 12.61 32.41
C MET C 80 -0.34 11.25 33.06
N ILE C 81 -0.16 10.20 32.28
CA ILE C 81 -0.50 8.84 32.67
C ILE C 81 0.35 8.41 33.89
N THR C 82 1.66 8.64 33.83
CA THR C 82 2.58 8.32 34.93
C THR C 82 2.27 9.11 36.20
N THR C 83 1.85 10.36 36.07
CA THR C 83 1.51 11.17 37.25
C THR C 83 0.29 10.61 37.96
N ALA C 84 -0.76 10.27 37.19
CA ALA C 84 -1.99 9.70 37.75
C ALA C 84 -1.69 8.37 38.45
N CYS C 85 -0.80 7.58 37.85
CA CYS C 85 -0.36 6.33 38.45
CA CYS C 85 -0.37 6.33 38.45
C CYS C 85 0.44 6.54 39.73
N HIS C 86 1.36 7.51 39.70
CA HIS C 86 2.16 7.86 40.88
C HIS C 86 1.27 8.26 42.08
N GLU C 87 0.19 8.98 41.79
CA GLU C 87 -0.78 9.41 42.80
C GLU C 87 -1.61 8.26 43.37
N PHE C 88 -2.00 7.33 42.50
CA PHE C 88 -2.71 6.12 42.90
C PHE C 88 -1.70 5.03 43.25
N PHE C 89 -0.81 5.34 44.20
CA PHE C 89 0.25 4.44 44.63
C PHE C 89 0.73 4.78 46.05
N MET D 1 28.61 10.24 23.56
CA MET D 1 29.45 9.01 23.68
C MET D 1 30.86 9.19 23.11
N SER D 2 31.73 8.27 23.44
CA SER D 2 33.14 8.40 23.16
C SER D 2 33.42 8.07 21.70
N GLU D 3 34.65 8.35 21.29
CA GLU D 3 35.19 8.05 19.99
C GLU D 3 34.90 6.56 19.65
N LEU D 4 35.22 5.66 20.58
CA LEU D 4 35.08 4.21 20.38
C LEU D 4 33.62 3.77 20.31
N GLU D 5 32.79 4.31 21.19
CA GLU D 5 31.37 3.99 21.15
C GLU D 5 30.73 4.42 19.84
N LYS D 6 31.13 5.58 19.32
CA LYS D 6 30.60 6.07 18.05
C LYS D 6 30.96 5.17 16.87
N ALA D 7 32.19 4.67 16.91
CA ALA D 7 32.72 3.71 15.95
C ALA D 7 31.90 2.42 15.99
N VAL D 8 31.67 1.90 17.19
CA VAL D 8 30.78 0.71 17.29
C VAL D 8 29.40 0.94 16.66
N VAL D 9 28.69 2.01 17.03
CA VAL D 9 27.35 2.20 16.43
C VAL D 9 27.37 2.54 14.95
N ALA D 10 28.47 3.14 14.52
CA ALA D 10 28.67 3.43 13.12
C ALA D 10 28.77 2.16 12.29
N LEU D 11 29.39 1.12 12.83
CA LEU D 11 29.45 -0.19 12.16
C LEU D 11 28.08 -0.81 11.95
N ILE D 12 27.21 -0.70 12.96
CA ILE D 12 25.86 -1.23 12.88
C ILE D 12 25.00 -0.41 11.95
N ASP D 13 25.06 0.92 12.10
CA ASP D 13 24.33 1.84 11.24
C ASP D 13 24.69 1.61 9.76
N VAL D 14 25.99 1.55 9.47
CA VAL D 14 26.40 1.30 8.09
C VAL D 14 25.88 -0.04 7.55
N PHE D 15 26.06 -1.12 8.32
CA PHE D 15 25.55 -2.44 7.90
C PHE D 15 24.07 -2.35 7.60
N HIS D 16 23.29 -1.83 8.56
CA HIS D 16 21.82 -1.73 8.43
C HIS D 16 21.36 -0.89 7.23
N GLN D 17 22.13 0.15 6.92
CA GLN D 17 21.78 1.06 5.79
C GLN D 17 21.73 0.29 4.46
N TYR D 18 22.71 -0.59 4.28
CA TYR D 18 22.82 -1.32 3.03
C TYR D 18 22.05 -2.66 3.03
N SER D 19 21.87 -3.27 4.18
CA SER D 19 21.23 -4.60 4.22
C SER D 19 19.69 -4.57 4.14
N GLY D 20 19.12 -3.46 4.60
CA GLY D 20 17.67 -3.26 4.60
C GLY D 20 17.20 -2.64 3.31
N ARG D 21 18.07 -2.64 2.30
CA ARG D 21 17.72 -2.11 0.98
C ARG D 21 16.80 -3.06 0.18
N GLU D 22 17.16 -4.34 0.10
CA GLU D 22 16.45 -5.31 -0.76
C GLU D 22 16.31 -6.61 0.00
N GLY D 23 15.24 -7.36 -0.27
CA GLY D 23 15.10 -8.74 0.26
C GLY D 23 15.28 -8.90 1.76
N ASP D 24 16.12 -9.86 2.18
CA ASP D 24 16.39 -10.08 3.62
C ASP D 24 16.88 -8.77 4.24
N LYS D 25 16.19 -8.30 5.26
CA LYS D 25 16.48 -6.98 5.81
C LYS D 25 17.81 -6.93 6.60
N HIS D 26 18.33 -8.10 6.94
CA HIS D 26 19.41 -8.22 7.89
C HIS D 26 20.66 -8.81 7.27
N LYS D 27 20.64 -8.96 5.95
CA LYS D 27 21.78 -9.58 5.27
C LYS D 27 22.06 -8.76 4.02
N LEU D 28 23.34 -8.70 3.67
CA LEU D 28 23.79 -8.07 2.42
C LEU D 28 23.74 -9.05 1.27
N LYS D 29 22.91 -8.81 0.26
CA LYS D 29 23.04 -9.64 -0.94
C LYS D 29 24.12 -9.00 -1.83
N LYS D 30 24.46 -9.62 -2.96
CA LYS D 30 25.62 -9.16 -3.73
C LYS D 30 25.54 -7.67 -4.17
N SER D 31 24.38 -7.21 -4.63
CA SER D 31 24.17 -5.78 -4.99
C SER D 31 24.32 -4.80 -3.82
N GLU D 32 23.89 -5.25 -2.65
CA GLU D 32 24.02 -4.46 -1.42
C GLU D 32 25.47 -4.36 -0.96
N LEU D 33 26.19 -5.48 -0.99
CA LEU D 33 27.63 -5.51 -0.72
C LEU D 33 28.42 -4.64 -1.69
N LYS D 34 28.07 -4.70 -2.97
CA LYS D 34 28.75 -3.89 -4.00
C LYS D 34 28.67 -2.42 -3.64
N GLU D 35 27.45 -1.98 -3.32
CA GLU D 35 27.21 -0.60 -3.06
C GLU D 35 27.82 -0.17 -1.72
N LEU D 36 27.81 -1.03 -0.70
CA LEU D 36 28.53 -0.72 0.56
C LEU D 36 30.04 -0.52 0.33
N ILE D 37 30.66 -1.47 -0.37
CA ILE D 37 32.10 -1.38 -0.66
C ILE D 37 32.44 -0.14 -1.50
N ASN D 38 31.65 0.07 -2.57
CA ASN D 38 31.86 1.20 -3.46
C ASN D 38 31.61 2.54 -2.79
N ASN D 39 30.67 2.62 -1.85
CA ASN D 39 30.32 3.91 -1.22
C ASN D 39 30.85 4.15 0.18
N GLU D 40 31.25 3.08 0.88
CA GLU D 40 31.74 3.23 2.24
C GLU D 40 33.18 2.84 2.37
N LEU D 41 33.74 2.12 1.41
CA LEU D 41 35.13 1.68 1.54
C LEU D 41 36.04 2.10 0.40
N SER D 42 35.71 3.24 -0.21
CA SER D 42 36.43 3.72 -1.41
C SER D 42 37.86 4.25 -1.15
N HIS D 43 38.17 4.68 0.07
CA HIS D 43 39.53 5.09 0.37
C HIS D 43 40.44 3.91 0.71
N PHE D 44 39.84 2.78 1.09
CA PHE D 44 40.56 1.62 1.57
C PHE D 44 40.64 0.51 0.53
N LEU D 45 39.61 0.39 -0.30
CA LEU D 45 39.40 -0.73 -1.22
C LEU D 45 39.10 -0.25 -2.64
N GLU D 46 39.57 -0.97 -3.63
CA GLU D 46 39.20 -0.61 -5.01
C GLU D 46 37.72 -0.84 -5.25
N GLU D 47 37.11 0.07 -6.01
CA GLU D 47 35.72 -0.09 -6.47
C GLU D 47 35.54 -1.40 -7.20
N ILE D 48 34.44 -2.09 -6.91
CA ILE D 48 34.10 -3.34 -7.58
C ILE D 48 33.07 -2.98 -8.64
N LYS D 49 33.29 -3.43 -9.86
CA LYS D 49 32.38 -3.05 -10.95
C LYS D 49 31.73 -4.27 -11.57
N GLU D 50 32.51 -5.33 -11.74
CA GLU D 50 32.04 -6.53 -12.46
C GLU D 50 31.30 -7.48 -11.54
N GLN D 51 30.17 -7.99 -12.00
CA GLN D 51 29.40 -8.96 -11.23
C GLN D 51 30.26 -10.15 -10.84
N GLU D 52 31.10 -10.63 -11.74
CA GLU D 52 32.01 -11.75 -11.37
C GLU D 52 33.05 -11.37 -10.28
N VAL D 53 33.38 -10.08 -10.16
CA VAL D 53 34.26 -9.65 -9.08
C VAL D 53 33.47 -9.60 -7.78
N VAL D 54 32.25 -9.05 -7.81
CA VAL D 54 31.31 -9.01 -6.64
C VAL D 54 31.08 -10.43 -6.13
N ASP D 55 30.87 -11.34 -7.09
CA ASP D 55 30.62 -12.76 -6.87
C ASP D 55 31.74 -13.35 -6.05
N LYS D 56 32.97 -13.14 -6.49
CA LYS D 56 34.17 -13.68 -5.84
C LYS D 56 34.38 -13.06 -4.45
N VAL D 57 34.03 -11.78 -4.30
CA VAL D 57 34.10 -11.13 -2.98
C VAL D 57 33.08 -11.79 -2.02
N MET D 58 31.82 -11.90 -2.43
CA MET D 58 30.79 -12.60 -1.65
C MET D 58 31.27 -14.01 -1.27
N GLU D 59 31.77 -14.78 -2.25
CA GLU D 59 32.41 -16.08 -1.98
C GLU D 59 33.34 -15.98 -0.76
N THR D 60 34.30 -15.05 -0.78
CA THR D 60 35.23 -14.83 0.36
C THR D 60 34.56 -14.52 1.72
N LEU D 61 33.45 -13.80 1.68
CA LEU D 61 32.80 -13.32 2.90
C LEU D 61 31.77 -14.28 3.47
N ASP D 62 31.08 -14.99 2.60
CA ASP D 62 30.00 -15.92 2.96
C ASP D 62 30.52 -17.26 3.46
N SER D 63 30.82 -17.35 4.76
CA SER D 63 31.23 -18.65 5.32
C SER D 63 30.12 -19.71 5.43
N ASP D 64 28.87 -19.27 5.58
CA ASP D 64 27.74 -20.20 5.79
C ASP D 64 26.99 -20.65 4.51
N GLY D 65 27.43 -20.12 3.35
CA GLY D 65 26.97 -20.60 2.06
C GLY D 65 25.57 -20.21 1.62
N ASP D 66 24.93 -19.28 2.34
CA ASP D 66 23.58 -18.85 1.97
C ASP D 66 23.57 -17.75 0.87
N GLY D 67 24.76 -17.41 0.39
CA GLY D 67 24.89 -16.50 -0.76
C GLY D 67 24.88 -15.02 -0.39
N GLU D 68 24.78 -14.75 0.90
CA GLU D 68 24.59 -13.41 1.43
C GLU D 68 25.57 -13.16 2.56
N CYS D 69 25.72 -11.89 2.96
CA CYS D 69 26.67 -11.51 4.04
C CYS D 69 25.91 -11.02 5.25
N ASP D 70 25.89 -11.83 6.32
CA ASP D 70 25.14 -11.45 7.51
C ASP D 70 26.00 -10.57 8.40
N PHE D 71 25.46 -10.13 9.53
CA PHE D 71 26.22 -9.17 10.35
C PHE D 71 27.56 -9.72 10.90
N GLN D 72 27.60 -11.01 11.23
CA GLN D 72 28.81 -11.65 11.74
C GLN D 72 29.87 -11.80 10.65
N GLU D 73 29.43 -12.18 9.45
CA GLU D 73 30.26 -12.21 8.25
C GLU D 73 30.75 -10.79 7.89
N PHE D 74 29.92 -9.77 8.06
CA PHE D 74 30.34 -8.37 7.89
C PHE D 74 31.38 -7.96 8.93
N MET D 75 31.14 -8.27 10.19
CA MET D 75 32.18 -8.07 11.24
C MET D 75 33.55 -8.70 10.94
N ALA D 76 33.55 -9.95 10.46
CA ALA D 76 34.78 -10.58 9.96
C ALA D 76 35.46 -9.74 8.90
N PHE D 77 34.70 -9.25 7.92
CA PHE D 77 35.19 -8.32 6.91
C PHE D 77 35.83 -7.03 7.49
N VAL D 78 35.09 -6.32 8.35
CA VAL D 78 35.59 -5.16 9.08
C VAL D 78 36.89 -5.46 9.82
N ALA D 79 36.96 -6.62 10.50
CA ALA D 79 38.16 -6.96 11.26
C ALA D 79 39.41 -7.16 10.35
N MET D 80 39.22 -7.74 9.15
CA MET D 80 40.27 -7.90 8.12
C MET D 80 40.77 -6.51 7.66
N ILE D 81 39.83 -5.61 7.35
CA ILE D 81 40.16 -4.24 6.90
C ILE D 81 40.90 -3.47 8.03
N THR D 82 40.39 -3.52 9.25
CA THR D 82 41.00 -2.81 10.37
C THR D 82 42.40 -3.34 10.69
N THR D 83 42.54 -4.64 10.58
CA THR D 83 43.83 -5.24 10.80
C THR D 83 44.82 -4.79 9.73
N ALA D 84 44.37 -4.69 8.47
CA ALA D 84 45.25 -4.24 7.39
C ALA D 84 45.57 -2.77 7.58
N CYS D 85 44.59 -1.95 7.99
CA CYS D 85 44.90 -0.55 8.33
C CYS D 85 45.86 -0.40 9.51
N HIS D 86 45.67 -1.23 10.56
CA HIS D 86 46.53 -1.24 11.74
C HIS D 86 47.98 -1.57 11.35
N GLU D 87 48.15 -2.54 10.44
CA GLU D 87 49.42 -2.85 9.80
C GLU D 87 50.00 -1.65 9.03
N PHE D 88 49.14 -0.82 8.45
CA PHE D 88 49.64 0.35 7.73
C PHE D 88 50.14 1.45 8.70
N PHE D 89 49.29 1.78 9.67
CA PHE D 89 49.62 2.83 10.65
C PHE D 89 50.57 2.33 11.73
N GLU D 90 50.68 1.00 11.84
CA GLU D 90 51.63 0.28 12.74
C GLU D 90 51.74 0.87 14.15
#